data_6EFE
#
_entry.id   6EFE
#
_entity_poly.entity_id   1
_entity_poly.type   'polypeptide(L)'
_entity_poly.pdbx_seq_one_letter_code
;GGLGRCIYNCMNSGGGLSFIQCKTMCY
;
_entity_poly.pdbx_strand_id   A
#
# COMPACT_ATOMS: atom_id res chain seq x y z
N GLY A 1 -5.33 -11.48 2.36
CA GLY A 1 -4.20 -11.02 3.22
C GLY A 1 -4.28 -9.51 3.39
N GLY A 2 -3.26 -8.81 2.97
CA GLY A 2 -3.26 -7.32 3.12
C GLY A 2 -2.16 -6.72 2.26
N LEU A 3 -0.92 -6.92 2.64
CA LEU A 3 0.21 -6.36 1.85
C LEU A 3 -0.06 -6.52 0.35
N GLY A 4 -0.58 -7.64 -0.04
CA GLY A 4 -0.86 -7.88 -1.49
C GLY A 4 -1.70 -6.71 -2.03
N ARG A 5 -2.81 -6.43 -1.41
CA ARG A 5 -3.68 -5.31 -1.89
C ARG A 5 -3.23 -3.99 -1.28
N CYS A 6 -2.74 -4.01 -0.07
CA CYS A 6 -2.28 -2.74 0.56
C CYS A 6 -1.54 -1.89 -0.46
N ILE A 7 -0.34 -2.24 -0.77
CA ILE A 7 0.44 -1.47 -1.76
C ILE A 7 -0.32 -1.35 -3.08
N TYR A 8 -0.98 -2.41 -3.49
CA TYR A 8 -1.74 -2.33 -4.76
C TYR A 8 -2.54 -1.04 -4.80
N ASN A 9 -3.58 -0.97 -4.01
CA ASN A 9 -4.42 0.26 -3.98
C ASN A 9 -3.61 1.47 -3.52
N CYS A 10 -2.75 1.28 -2.55
CA CYS A 10 -1.94 2.42 -2.03
C CYS A 10 -0.98 2.94 -3.09
N MET A 11 -0.28 2.06 -3.72
CA MET A 11 0.73 2.49 -4.73
C MET A 11 0.13 2.49 -6.14
N ASN A 12 -0.35 1.37 -6.61
CA ASN A 12 -0.93 1.32 -7.98
C ASN A 12 -1.83 2.54 -8.22
N SER A 13 -2.86 2.68 -7.45
CA SER A 13 -3.77 3.85 -7.63
C SER A 13 -4.91 3.80 -6.60
N GLY A 14 -4.68 4.31 -5.42
CA GLY A 14 -5.74 4.30 -4.38
C GLY A 14 -5.11 4.54 -3.00
N GLY A 15 -4.11 5.38 -2.94
CA GLY A 15 -3.47 5.65 -1.63
C GLY A 15 -3.29 7.16 -1.44
N GLY A 16 -2.59 7.80 -2.35
CA GLY A 16 -2.38 9.26 -2.23
C GLY A 16 -1.30 9.55 -1.19
N LEU A 17 -0.47 8.59 -0.90
CA LEU A 17 0.61 8.81 0.12
C LEU A 17 1.97 8.38 -0.46
N SER A 18 2.56 7.35 0.05
CA SER A 18 3.88 6.90 -0.48
C SER A 18 3.94 5.39 -0.60
N PHE A 19 5.10 4.86 -0.82
CA PHE A 19 5.25 3.38 -0.96
C PHE A 19 5.69 2.79 0.38
N ILE A 20 6.81 3.21 0.85
CA ILE A 20 7.31 2.70 2.16
C ILE A 20 6.25 2.92 3.24
N GLN A 21 5.31 3.79 2.99
CA GLN A 21 4.24 4.04 3.99
C GLN A 21 3.15 2.96 3.85
N CYS A 22 3.29 2.09 2.88
CA CYS A 22 2.28 1.02 2.70
C CYS A 22 2.98 -0.32 2.47
N LYS A 23 4.05 -0.34 1.72
CA LYS A 23 4.77 -1.61 1.48
C LYS A 23 5.20 -2.24 2.81
N THR A 24 5.28 -1.46 3.85
CA THR A 24 5.68 -2.01 5.17
C THR A 24 4.61 -1.72 6.22
N MET A 25 4.08 -0.52 6.22
CA MET A 25 3.03 -0.17 7.22
C MET A 25 1.96 -1.25 7.25
N CYS A 26 1.36 -1.53 6.13
CA CYS A 26 0.30 -2.58 6.08
C CYS A 26 0.71 -3.79 6.93
N TYR A 27 -0.18 -4.27 7.75
CA TYR A 27 0.16 -5.45 8.61
C TYR A 27 -0.21 -6.75 7.88
N GLY A 1 -0.65 -12.63 1.55
CA GLY A 1 -0.02 -12.09 2.80
C GLY A 1 -0.93 -11.01 3.39
N GLY A 2 -0.42 -9.82 3.54
CA GLY A 2 -1.23 -8.72 4.12
C GLY A 2 -0.80 -7.39 3.51
N LEU A 3 -0.06 -7.42 2.44
CA LEU A 3 0.40 -6.14 1.82
C LEU A 3 -0.07 -6.08 0.36
N GLY A 4 -0.26 -7.21 -0.26
CA GLY A 4 -0.72 -7.21 -1.68
C GLY A 4 -1.83 -6.18 -1.85
N ARG A 5 -3.01 -6.47 -1.38
CA ARG A 5 -4.14 -5.51 -1.52
C ARG A 5 -3.73 -4.14 -0.98
N CYS A 6 -3.11 -4.10 0.16
CA CYS A 6 -2.66 -2.80 0.72
C CYS A 6 -1.99 -1.98 -0.38
N ILE A 7 -0.74 -2.25 -0.63
CA ILE A 7 -0.01 -1.49 -1.68
C ILE A 7 -0.85 -1.41 -2.96
N TYR A 8 -1.45 -2.50 -3.36
CA TYR A 8 -2.27 -2.47 -4.60
C TYR A 8 -3.14 -1.20 -4.62
N ASN A 9 -4.28 -1.25 -4.00
CA ASN A 9 -5.17 -0.07 -3.97
C ASN A 9 -4.42 1.19 -3.53
N CYS A 10 -3.30 1.04 -2.88
CA CYS A 10 -2.55 2.24 -2.42
C CYS A 10 -1.54 2.70 -3.47
N MET A 11 -0.48 1.98 -3.63
CA MET A 11 0.57 2.37 -4.61
C MET A 11 0.02 2.45 -6.04
N ASN A 12 -0.96 1.67 -6.37
CA ASN A 12 -1.52 1.72 -7.75
C ASN A 12 -2.59 2.80 -7.86
N SER A 13 -3.36 2.98 -6.84
CA SER A 13 -4.43 4.02 -6.88
C SER A 13 -5.23 4.05 -5.59
N GLY A 14 -4.87 4.90 -4.67
CA GLY A 14 -5.60 4.98 -3.38
C GLY A 14 -4.76 5.77 -2.37
N GLY A 15 -3.47 5.77 -2.53
CA GLY A 15 -2.60 6.53 -1.58
C GLY A 15 -1.42 7.13 -2.33
N GLY A 16 -1.61 8.26 -2.94
CA GLY A 16 -0.50 8.90 -3.69
C GLY A 16 0.44 9.62 -2.72
N LEU A 17 0.92 8.94 -1.72
CA LEU A 17 1.84 9.60 -0.74
C LEU A 17 3.22 8.95 -0.79
N SER A 18 3.32 7.76 -0.29
CA SER A 18 4.63 7.05 -0.29
C SER A 18 4.45 5.58 -0.63
N PHE A 19 5.48 4.81 -0.47
CA PHE A 19 5.40 3.35 -0.77
C PHE A 19 5.78 2.57 0.47
N ILE A 20 6.95 2.80 0.97
CA ILE A 20 7.39 2.06 2.18
C ILE A 20 6.23 2.03 3.18
N GLN A 21 5.46 3.07 3.26
CA GLN A 21 4.33 3.05 4.22
C GLN A 21 3.38 1.91 3.82
N CYS A 22 2.59 2.11 2.81
CA CYS A 22 1.66 1.03 2.38
C CYS A 22 2.45 -0.26 2.13
N LYS A 23 3.70 -0.14 1.72
CA LYS A 23 4.50 -1.36 1.48
C LYS A 23 4.57 -2.23 2.74
N THR A 24 4.20 -1.70 3.87
CA THR A 24 4.25 -2.51 5.12
C THR A 24 3.25 -2.01 6.16
N MET A 25 2.95 -0.74 6.17
CA MET A 25 1.98 -0.20 7.17
C MET A 25 0.68 -0.98 7.13
N CYS A 26 -0.12 -0.76 6.14
CA CYS A 26 -1.42 -1.50 6.04
C CYS A 26 -1.24 -2.96 6.44
N TYR A 27 -1.88 -3.39 7.49
CA TYR A 27 -1.74 -4.81 7.93
C TYR A 27 -2.99 -5.61 7.53
N GLY A 1 -4.25 -11.63 4.59
CA GLY A 1 -3.15 -10.64 4.60
C GLY A 1 -3.69 -9.25 4.26
N GLY A 2 -2.90 -8.42 3.63
CA GLY A 2 -3.39 -7.06 3.27
C GLY A 2 -2.32 -6.34 2.44
N LEU A 3 -1.08 -6.54 2.77
CA LEU A 3 0.01 -5.87 1.99
C LEU A 3 -0.25 -5.99 0.50
N GLY A 4 -0.37 -7.18 0.01
CA GLY A 4 -0.61 -7.39 -1.45
C GLY A 4 -1.63 -6.37 -1.96
N ARG A 5 -2.61 -6.04 -1.16
CA ARG A 5 -3.63 -5.04 -1.61
C ARG A 5 -3.18 -3.63 -1.27
N CYS A 6 -2.72 -3.41 -0.07
CA CYS A 6 -2.27 -2.04 0.31
C CYS A 6 -1.50 -1.42 -0.85
N ILE A 7 -0.36 -1.96 -1.17
CA ILE A 7 0.44 -1.43 -2.29
C ILE A 7 -0.40 -1.42 -3.58
N TYR A 8 -1.12 -2.48 -3.84
CA TYR A 8 -1.97 -2.50 -5.07
C TYR A 8 -2.73 -1.19 -5.16
N ASN A 9 -3.69 -1.01 -4.31
CA ASN A 9 -4.49 0.24 -4.34
C ASN A 9 -3.63 1.46 -3.94
N CYS A 10 -2.73 1.29 -3.02
CA CYS A 10 -1.89 2.45 -2.58
C CYS A 10 -0.91 2.85 -3.68
N MET A 11 0.01 1.98 -3.99
CA MET A 11 1.02 2.32 -5.04
C MET A 11 0.36 2.55 -6.40
N ASN A 12 -0.33 1.57 -6.92
CA ASN A 12 -1.00 1.74 -8.24
C ASN A 12 -1.73 3.08 -8.30
N SER A 13 -2.77 3.24 -7.52
CA SER A 13 -3.53 4.51 -7.51
C SER A 13 -4.81 4.35 -6.69
N GLY A 14 -4.75 4.65 -5.43
CA GLY A 14 -5.95 4.52 -4.57
C GLY A 14 -5.57 4.84 -3.13
N GLY A 15 -5.36 6.10 -2.85
CA GLY A 15 -4.99 6.50 -1.48
C GLY A 15 -3.59 5.96 -1.15
N GLY A 16 -2.57 6.73 -1.41
CA GLY A 16 -1.20 6.27 -1.12
C GLY A 16 -0.21 7.41 -1.40
N LEU A 17 0.10 8.19 -0.40
CA LEU A 17 1.05 9.32 -0.59
C LEU A 17 2.48 8.81 -0.72
N SER A 18 2.77 7.65 -0.17
CA SER A 18 4.16 7.12 -0.25
C SER A 18 4.13 5.61 -0.49
N PHE A 19 5.27 4.99 -0.34
CA PHE A 19 5.37 3.51 -0.56
C PHE A 19 5.59 2.83 0.79
N ILE A 20 6.68 3.14 1.41
CA ILE A 20 6.98 2.53 2.73
C ILE A 20 5.75 2.60 3.62
N GLN A 21 4.86 3.53 3.37
CA GLN A 21 3.63 3.64 4.20
C GLN A 21 2.59 2.62 3.75
N CYS A 22 2.92 1.83 2.76
CA CYS A 22 1.94 0.83 2.26
C CYS A 22 2.64 -0.49 1.98
N LYS A 23 3.83 -0.46 1.43
CA LYS A 23 4.55 -1.73 1.14
C LYS A 23 5.03 -2.38 2.44
N THR A 24 5.02 -1.64 3.52
CA THR A 24 5.49 -2.21 4.81
C THR A 24 4.48 -1.90 5.93
N MET A 25 3.76 -0.82 5.83
CA MET A 25 2.78 -0.47 6.89
C MET A 25 1.75 -1.59 7.04
N CYS A 26 1.03 -1.88 6.00
CA CYS A 26 0.02 -2.97 6.09
C CYS A 26 0.62 -4.21 6.74
N TYR A 27 0.18 -4.56 7.91
CA TYR A 27 0.73 -5.76 8.60
C TYR A 27 0.67 -6.97 7.67
N GLY A 1 -3.04 -11.54 5.32
CA GLY A 1 -2.24 -10.30 5.54
C GLY A 1 -2.95 -9.11 4.89
N GLY A 2 -2.61 -8.80 3.67
CA GLY A 2 -3.28 -7.65 2.98
C GLY A 2 -2.23 -6.90 2.16
N LEU A 3 -0.98 -7.07 2.46
CA LEU A 3 0.08 -6.35 1.69
C LEU A 3 -0.22 -6.41 0.20
N GLY A 4 -0.51 -7.59 -0.30
CA GLY A 4 -0.80 -7.73 -1.75
C GLY A 4 -1.71 -6.58 -2.21
N ARG A 5 -2.93 -6.56 -1.75
CA ARG A 5 -3.86 -5.48 -2.16
C ARG A 5 -3.44 -4.15 -1.56
N CYS A 6 -2.84 -4.17 -0.40
CA CYS A 6 -2.40 -2.89 0.22
C CYS A 6 -1.62 -2.07 -0.80
N ILE A 7 -0.35 -2.32 -0.92
CA ILE A 7 0.47 -1.57 -1.90
C ILE A 7 -0.29 -1.44 -3.23
N TYR A 8 -0.88 -2.50 -3.69
CA TYR A 8 -1.63 -2.42 -4.96
C TYR A 8 -2.47 -1.14 -4.99
N ASN A 9 -3.54 -1.12 -4.24
CA ASN A 9 -4.40 0.09 -4.20
C ASN A 9 -3.65 1.28 -3.60
N CYS A 10 -2.77 1.04 -2.66
CA CYS A 10 -2.03 2.15 -2.03
C CYS A 10 -1.06 2.80 -3.02
N MET A 11 -0.17 2.03 -3.57
CA MET A 11 0.82 2.58 -4.51
C MET A 11 0.18 2.89 -5.87
N ASN A 12 -0.18 1.88 -6.62
CA ASN A 12 -0.79 2.13 -7.97
C ASN A 12 -1.78 3.28 -7.90
N SER A 13 -2.67 3.26 -6.94
CA SER A 13 -3.67 4.36 -6.82
C SER A 13 -4.75 4.00 -5.80
N GLY A 14 -4.70 4.61 -4.64
CA GLY A 14 -5.72 4.33 -3.61
C GLY A 14 -5.72 5.47 -2.58
N GLY A 15 -4.57 5.91 -2.18
CA GLY A 15 -4.50 7.02 -1.19
C GLY A 15 -3.46 8.06 -1.63
N GLY A 16 -2.85 7.85 -2.77
CA GLY A 16 -1.82 8.82 -3.25
C GLY A 16 -0.93 9.26 -2.09
N LEU A 17 0.02 8.45 -1.71
CA LEU A 17 0.92 8.83 -0.58
C LEU A 17 2.36 8.39 -0.87
N SER A 18 2.87 7.43 -0.15
CA SER A 18 4.27 6.98 -0.40
C SER A 18 4.30 5.46 -0.59
N PHE A 19 5.47 4.88 -0.52
CA PHE A 19 5.58 3.41 -0.70
C PHE A 19 5.77 2.72 0.65
N ILE A 20 6.75 3.15 1.39
CA ILE A 20 6.98 2.53 2.73
C ILE A 20 5.69 2.61 3.54
N GLN A 21 4.85 3.55 3.22
CA GLN A 21 3.57 3.71 3.95
C GLN A 21 2.66 2.51 3.68
N CYS A 22 2.90 1.80 2.61
CA CYS A 22 2.06 0.62 2.28
C CYS A 22 2.95 -0.61 2.07
N LYS A 23 4.12 -0.42 1.51
CA LYS A 23 5.03 -1.57 1.27
C LYS A 23 5.10 -2.47 2.50
N THR A 24 5.32 -1.91 3.66
CA THR A 24 5.40 -2.76 4.88
C THR A 24 4.45 -2.24 5.97
N MET A 25 3.94 -1.05 5.82
CA MET A 25 3.02 -0.52 6.85
C MET A 25 1.71 -1.31 6.85
N CYS A 26 1.32 -1.82 5.71
CA CYS A 26 0.06 -2.61 5.63
C CYS A 26 0.09 -3.72 6.69
N TYR A 27 -1.06 -4.22 7.07
CA TYR A 27 -1.10 -5.31 8.08
C TYR A 27 -1.08 -6.67 7.40
N GLY A 1 0.75 -12.35 3.77
CA GLY A 1 -0.29 -12.04 2.74
C GLY A 1 -1.08 -10.81 3.17
N GLY A 2 -0.42 -9.71 3.42
CA GLY A 2 -1.15 -8.48 3.84
C GLY A 2 -0.90 -7.37 2.84
N LEU A 3 0.03 -7.57 1.94
CA LEU A 3 0.32 -6.52 0.92
C LEU A 3 -0.31 -6.90 -0.43
N GLY A 4 -0.74 -8.13 -0.56
CA GLY A 4 -1.34 -8.57 -1.84
C GLY A 4 -2.40 -7.56 -2.29
N ARG A 5 -3.01 -6.86 -1.38
CA ARG A 5 -4.05 -5.86 -1.77
C ARG A 5 -3.68 -4.47 -1.28
N CYS A 6 -3.20 -4.36 -0.07
CA CYS A 6 -2.83 -3.01 0.46
C CYS A 6 -2.13 -2.21 -0.64
N ILE A 7 -0.84 -2.36 -0.77
CA ILE A 7 -0.11 -1.63 -1.83
C ILE A 7 -0.87 -1.71 -3.15
N TYR A 8 -1.19 -2.90 -3.60
CA TYR A 8 -1.94 -3.02 -4.88
C TYR A 8 -3.07 -1.98 -4.88
N ASN A 9 -3.72 -1.81 -3.78
CA ASN A 9 -4.81 -0.82 -3.68
C ASN A 9 -4.19 0.57 -3.46
N CYS A 10 -3.54 0.74 -2.35
CA CYS A 10 -2.90 2.04 -2.03
C CYS A 10 -2.00 2.50 -3.17
N MET A 11 -0.83 1.93 -3.29
CA MET A 11 0.10 2.34 -4.37
C MET A 11 -0.65 2.58 -5.69
N ASN A 12 -1.19 1.54 -6.26
CA ASN A 12 -1.94 1.70 -7.55
C ASN A 12 -2.81 2.95 -7.52
N SER A 13 -3.81 2.96 -6.68
CA SER A 13 -4.70 4.14 -6.60
C SER A 13 -5.18 4.36 -5.17
N GLY A 14 -4.30 4.77 -4.29
CA GLY A 14 -4.70 5.01 -2.88
C GLY A 14 -3.44 5.23 -2.03
N GLY A 15 -2.44 5.85 -2.58
CA GLY A 15 -1.19 6.10 -1.80
C GLY A 15 -0.44 7.28 -2.42
N GLY A 16 -1.02 8.46 -2.39
CA GLY A 16 -0.36 9.64 -2.98
C GLY A 16 0.73 10.16 -2.02
N LEU A 17 0.99 9.45 -0.95
CA LEU A 17 2.02 9.91 0.00
C LEU A 17 3.35 9.18 -0.29
N SER A 18 3.37 7.88 -0.16
CA SER A 18 4.62 7.13 -0.42
C SER A 18 4.33 5.66 -0.69
N PHE A 19 5.35 4.86 -0.70
CA PHE A 19 5.18 3.40 -0.94
C PHE A 19 5.58 2.65 0.31
N ILE A 20 6.82 2.75 0.67
CA ILE A 20 7.30 2.05 1.90
C ILE A 20 6.26 2.21 3.01
N GLN A 21 5.51 3.29 2.98
CA GLN A 21 4.46 3.48 4.01
C GLN A 21 3.40 2.39 3.83
N CYS A 22 2.68 2.44 2.74
CA CYS A 22 1.65 1.39 2.50
C CYS A 22 2.34 0.03 2.36
N LYS A 23 3.51 0.01 1.79
CA LYS A 23 4.24 -1.28 1.63
C LYS A 23 4.19 -2.07 2.94
N THR A 24 4.05 -1.39 4.04
CA THR A 24 3.99 -2.09 5.36
C THR A 24 2.86 -1.54 6.21
N MET A 25 2.68 -0.25 6.22
CA MET A 25 1.59 0.35 7.03
C MET A 25 0.30 -0.45 6.87
N CYS A 26 -0.38 -0.26 5.78
CA CYS A 26 -1.65 -1.01 5.56
C CYS A 26 -1.45 -2.50 5.88
N TYR A 27 -1.95 -2.93 7.01
CA TYR A 27 -1.79 -4.36 7.39
C TYR A 27 -2.79 -5.24 6.63
N GLY A 1 -2.49 -11.71 0.97
CA GLY A 1 -3.72 -11.25 1.70
C GLY A 1 -3.32 -10.33 2.85
N GLY A 2 -2.50 -9.36 2.60
CA GLY A 2 -2.08 -8.43 3.70
C GLY A 2 -1.35 -7.23 3.09
N LEU A 3 -0.15 -7.43 2.62
CA LEU A 3 0.61 -6.29 2.01
C LEU A 3 0.37 -6.24 0.51
N GLY A 4 0.41 -7.35 -0.15
CA GLY A 4 0.18 -7.38 -1.62
C GLY A 4 -0.99 -6.47 -1.98
N ARG A 5 -2.10 -6.61 -1.29
CA ARG A 5 -3.27 -5.75 -1.58
C ARG A 5 -3.06 -4.35 -1.03
N CYS A 6 -2.47 -4.24 0.12
CA CYS A 6 -2.22 -2.89 0.70
C CYS A 6 -1.56 -2.00 -0.34
N ILE A 7 -0.35 -2.31 -0.72
CA ILE A 7 0.35 -1.49 -1.73
C ILE A 7 -0.54 -1.27 -2.96
N TYR A 8 -1.17 -2.31 -3.45
CA TYR A 8 -2.05 -2.13 -4.64
C TYR A 8 -3.10 -1.05 -4.34
N ASN A 9 -3.99 -1.33 -3.44
CA ASN A 9 -5.05 -0.33 -3.11
C ASN A 9 -4.43 0.97 -2.58
N CYS A 10 -3.24 0.91 -2.07
CA CYS A 10 -2.61 2.16 -1.53
C CYS A 10 -1.73 2.81 -2.60
N MET A 11 -0.65 2.17 -2.93
CA MET A 11 0.27 2.74 -3.95
C MET A 11 -0.37 2.74 -5.34
N ASN A 12 -0.68 1.59 -5.86
CA ASN A 12 -1.30 1.52 -7.22
C ASN A 12 -2.54 2.41 -7.29
N SER A 13 -3.58 2.05 -6.59
CA SER A 13 -4.83 2.87 -6.62
C SER A 13 -4.48 4.37 -6.55
N GLY A 14 -4.26 4.87 -5.38
CA GLY A 14 -3.93 6.31 -5.24
C GLY A 14 -3.86 6.69 -3.76
N GLY A 15 -4.60 6.01 -2.93
CA GLY A 15 -4.58 6.33 -1.47
C GLY A 15 -3.27 5.82 -0.87
N GLY A 16 -2.15 6.23 -1.40
CA GLY A 16 -0.86 5.79 -0.87
C GLY A 16 0.23 6.78 -1.27
N LEU A 17 0.41 7.82 -0.51
CA LEU A 17 1.45 8.83 -0.85
C LEU A 17 2.80 8.17 -1.15
N SER A 18 3.41 7.56 -0.18
CA SER A 18 4.73 6.92 -0.42
C SER A 18 4.58 5.39 -0.53
N PHE A 19 5.54 4.74 -1.12
CA PHE A 19 5.48 3.26 -1.27
C PHE A 19 5.84 2.59 0.05
N ILE A 20 7.07 2.69 0.44
CA ILE A 20 7.49 2.06 1.73
C ILE A 20 6.41 2.28 2.79
N GLN A 21 5.68 3.36 2.67
CA GLN A 21 4.59 3.62 3.65
C GLN A 21 3.57 2.49 3.55
N CYS A 22 2.81 2.45 2.49
CA CYS A 22 1.81 1.36 2.33
C CYS A 22 2.54 0.02 2.24
N LYS A 23 3.72 0.00 1.66
CA LYS A 23 4.47 -1.27 1.55
C LYS A 23 4.53 -1.97 2.91
N THR A 24 4.33 -1.25 3.98
CA THR A 24 4.39 -1.89 5.32
C THR A 24 3.41 -1.22 6.29
N MET A 25 3.20 0.05 6.18
CA MET A 25 2.26 0.74 7.11
C MET A 25 0.87 0.13 7.00
N CYS A 26 0.52 -0.35 5.84
CA CYS A 26 -0.83 -0.97 5.68
C CYS A 26 -0.74 -2.49 5.86
N TYR A 27 -1.36 -3.01 6.88
CA TYR A 27 -1.30 -4.48 7.11
C TYR A 27 -1.78 -5.23 5.87
N GLY A 1 -1.52 -12.04 3.63
CA GLY A 1 -2.74 -11.26 3.32
C GLY A 1 -2.70 -9.92 4.07
N GLY A 2 -2.69 -8.83 3.35
CA GLY A 2 -2.64 -7.50 4.02
C GLY A 2 -1.93 -6.49 3.13
N LEU A 3 -0.68 -6.70 2.86
CA LEU A 3 0.08 -5.75 1.99
C LEU A 3 -0.39 -5.89 0.54
N GLY A 4 -0.80 -7.06 0.14
CA GLY A 4 -1.26 -7.27 -1.26
C GLY A 4 -2.15 -6.11 -1.69
N ARG A 5 -3.32 -6.01 -1.13
CA ARG A 5 -4.24 -4.90 -1.51
C ARG A 5 -3.66 -3.54 -1.14
N CYS A 6 -3.11 -3.42 0.04
CA CYS A 6 -2.52 -2.11 0.44
C CYS A 6 -1.74 -1.51 -0.72
N ILE A 7 -0.50 -1.90 -0.85
CA ILE A 7 0.33 -1.38 -1.98
C ILE A 7 -0.49 -1.35 -3.26
N TYR A 8 -1.19 -2.41 -3.57
CA TYR A 8 -2.01 -2.42 -4.81
C TYR A 8 -2.77 -1.10 -4.91
N ASN A 9 -3.72 -0.89 -4.05
CA ASN A 9 -4.51 0.36 -4.09
C ASN A 9 -3.63 1.55 -3.68
N CYS A 10 -2.71 1.33 -2.80
CA CYS A 10 -1.82 2.43 -2.36
C CYS A 10 -0.84 2.82 -3.46
N MET A 11 0.08 1.95 -3.76
CA MET A 11 1.09 2.26 -4.82
C MET A 11 0.41 2.58 -6.15
N ASN A 12 -0.16 1.60 -6.79
CA ASN A 12 -0.83 1.86 -8.11
C ASN A 12 -1.63 3.16 -8.07
N SER A 13 -2.68 3.19 -7.29
CA SER A 13 -3.50 4.41 -7.20
C SER A 13 -4.72 4.17 -6.31
N GLY A 14 -4.69 4.68 -5.12
CA GLY A 14 -5.84 4.50 -4.19
C GLY A 14 -5.71 5.48 -3.02
N GLY A 15 -4.50 5.69 -2.56
CA GLY A 15 -4.30 6.64 -1.42
C GLY A 15 -3.33 7.74 -1.83
N GLY A 16 -2.75 7.62 -3.00
CA GLY A 16 -1.79 8.66 -3.46
C GLY A 16 -0.90 9.10 -2.30
N LEU A 17 0.06 8.30 -1.93
CA LEU A 17 0.96 8.68 -0.80
C LEU A 17 2.40 8.23 -1.09
N SER A 18 2.90 7.25 -0.38
CA SER A 18 4.29 6.80 -0.62
C SER A 18 4.34 5.27 -0.70
N PHE A 19 5.52 4.71 -0.60
CA PHE A 19 5.66 3.22 -0.67
C PHE A 19 5.83 2.64 0.73
N ILE A 20 6.72 3.17 1.50
CA ILE A 20 6.94 2.65 2.88
C ILE A 20 5.66 2.85 3.69
N GLN A 21 4.80 3.73 3.25
CA GLN A 21 3.55 3.98 4.00
C GLN A 21 2.49 2.94 3.63
N CYS A 22 2.89 1.88 2.98
CA CYS A 22 1.93 0.82 2.58
C CYS A 22 2.70 -0.47 2.29
N LYS A 23 3.85 -0.36 1.68
CA LYS A 23 4.66 -1.57 1.36
C LYS A 23 4.86 -2.44 2.61
N THR A 24 4.93 -1.84 3.76
CA THR A 24 5.15 -2.63 5.00
C THR A 24 4.14 -2.24 6.09
N MET A 25 3.62 -1.05 6.05
CA MET A 25 2.66 -0.63 7.10
C MET A 25 1.52 -1.66 7.18
N CYS A 26 1.20 -2.29 6.09
CA CYS A 26 0.11 -3.30 6.10
C CYS A 26 0.60 -4.62 6.72
N TYR A 27 -0.11 -5.12 7.70
CA TYR A 27 0.31 -6.39 8.34
C TYR A 27 -0.64 -7.52 7.91
N GLY A 1 -4.57 -9.58 3.20
CA GLY A 1 -3.61 -10.31 4.09
C GLY A 1 -2.58 -9.32 4.65
N GLY A 2 -1.52 -9.08 3.93
CA GLY A 2 -0.49 -8.13 4.42
C GLY A 2 -0.15 -7.13 3.31
N LEU A 3 0.45 -7.58 2.24
CA LEU A 3 0.80 -6.65 1.13
C LEU A 3 0.13 -7.11 -0.17
N GLY A 4 -0.56 -8.21 -0.13
CA GLY A 4 -1.23 -8.73 -1.36
C GLY A 4 -2.15 -7.66 -1.94
N ARG A 5 -2.99 -7.08 -1.13
CA ARG A 5 -3.93 -6.04 -1.64
C ARG A 5 -3.53 -4.65 -1.14
N CYS A 6 -2.89 -4.58 -0.02
CA CYS A 6 -2.48 -3.24 0.51
C CYS A 6 -1.86 -2.41 -0.61
N ILE A 7 -0.57 -2.53 -0.79
CA ILE A 7 0.11 -1.75 -1.86
C ILE A 7 -0.72 -1.79 -3.15
N TYR A 8 -1.20 -2.93 -3.54
CA TYR A 8 -2.01 -2.97 -4.78
C TYR A 8 -3.05 -1.84 -4.75
N ASN A 9 -4.10 -2.01 -4.01
CA ASN A 9 -5.14 -0.95 -3.93
C ASN A 9 -4.51 0.39 -3.51
N CYS A 10 -3.50 0.35 -2.68
CA CYS A 10 -2.85 1.62 -2.23
C CYS A 10 -1.99 2.21 -3.35
N MET A 11 -0.90 1.57 -3.65
CA MET A 11 0.02 2.08 -4.72
C MET A 11 -0.72 2.16 -6.07
N ASN A 12 -1.69 1.31 -6.29
CA ASN A 12 -2.43 1.32 -7.59
C ASN A 12 -2.58 2.75 -8.11
N SER A 13 -2.66 3.72 -7.24
CA SER A 13 -2.80 5.13 -7.71
C SER A 13 -3.11 6.05 -6.53
N GLY A 14 -2.11 6.68 -5.98
CA GLY A 14 -2.33 7.58 -4.83
C GLY A 14 -1.66 7.02 -3.59
N GLY A 15 -1.71 5.73 -3.42
CA GLY A 15 -1.07 5.09 -2.24
C GLY A 15 -1.36 5.94 -1.00
N GLY A 16 -2.45 6.66 -0.98
CA GLY A 16 -2.78 7.50 0.20
C GLY A 16 -1.81 8.68 0.27
N LEU A 17 -0.53 8.43 0.28
CA LEU A 17 0.45 9.54 0.35
C LEU A 17 1.85 9.10 -0.08
N SER A 18 2.17 7.83 0.04
CA SER A 18 3.52 7.36 -0.38
C SER A 18 3.50 5.88 -0.70
N PHE A 19 4.65 5.29 -0.82
CA PHE A 19 4.74 3.83 -1.12
C PHE A 19 5.31 3.10 0.08
N ILE A 20 6.50 3.46 0.45
CA ILE A 20 7.14 2.79 1.64
C ILE A 20 6.09 2.70 2.74
N GLN A 21 5.19 3.63 2.77
CA GLN A 21 4.12 3.60 3.80
C GLN A 21 3.31 2.32 3.63
N CYS A 22 2.50 2.26 2.61
CA CYS A 22 1.69 1.03 2.37
C CYS A 22 2.62 -0.15 2.11
N LYS A 23 3.77 0.10 1.52
CA LYS A 23 4.72 -1.01 1.23
C LYS A 23 4.87 -1.88 2.48
N THR A 24 4.61 -1.34 3.64
CA THR A 24 4.75 -2.16 4.88
C THR A 24 3.77 -1.68 5.98
N MET A 25 3.47 -0.41 6.01
CA MET A 25 2.53 0.08 7.06
C MET A 25 1.20 -0.66 6.98
N CYS A 26 0.80 -1.06 5.81
CA CYS A 26 -0.50 -1.79 5.67
C CYS A 26 -0.27 -3.29 5.85
N TYR A 27 -0.65 -3.82 6.98
CA TYR A 27 -0.46 -5.27 7.24
C TYR A 27 -1.71 -6.05 6.84
N GLY A 1 -4.14 -12.74 2.97
CA GLY A 1 -2.87 -11.99 3.19
C GLY A 1 -3.17 -10.50 3.36
N GLY A 2 -2.20 -9.66 3.12
CA GLY A 2 -2.43 -8.19 3.26
C GLY A 2 -1.61 -7.45 2.20
N LEU A 3 -0.32 -7.42 2.35
CA LEU A 3 0.54 -6.70 1.36
C LEU A 3 0.06 -7.02 -0.07
N GLY A 4 -0.48 -8.19 -0.27
CA GLY A 4 -0.97 -8.57 -1.62
C GLY A 4 -1.89 -7.49 -2.18
N ARG A 5 -2.69 -6.87 -1.34
CA ARG A 5 -3.61 -5.81 -1.83
C ARG A 5 -3.24 -4.45 -1.24
N CYS A 6 -2.71 -4.42 -0.05
CA CYS A 6 -2.33 -3.12 0.56
C CYS A 6 -1.64 -2.23 -0.48
N ILE A 7 -0.35 -2.41 -0.63
CA ILE A 7 0.38 -1.58 -1.63
C ILE A 7 -0.41 -1.49 -2.93
N TYR A 8 -0.92 -2.61 -3.40
CA TYR A 8 -1.71 -2.59 -4.65
C TYR A 8 -2.72 -1.44 -4.62
N ASN A 9 -3.68 -1.52 -3.77
CA ASN A 9 -4.71 -0.45 -3.69
C ASN A 9 -4.10 0.89 -3.25
N CYS A 10 -3.14 0.87 -2.36
CA CYS A 10 -2.54 2.15 -1.89
C CYS A 10 -1.61 2.73 -2.95
N MET A 11 -0.68 1.97 -3.41
CA MET A 11 0.27 2.48 -4.43
C MET A 11 -0.38 2.60 -5.81
N ASN A 12 -0.96 1.55 -6.30
CA ASN A 12 -1.61 1.61 -7.64
C ASN A 12 -2.65 2.73 -7.68
N SER A 13 -3.31 2.97 -6.58
CA SER A 13 -4.33 4.05 -6.55
C SER A 13 -5.11 4.00 -5.23
N GLY A 14 -4.61 4.64 -4.22
CA GLY A 14 -5.31 4.63 -2.91
C GLY A 14 -4.47 5.39 -1.88
N GLY A 15 -3.18 5.30 -1.99
CA GLY A 15 -2.30 6.02 -1.02
C GLY A 15 -1.68 7.24 -1.71
N GLY A 16 -0.82 7.02 -2.67
CA GLY A 16 -0.20 8.16 -3.38
C GLY A 16 0.86 8.82 -2.50
N LEU A 17 0.51 9.17 -1.28
CA LEU A 17 1.50 9.83 -0.38
C LEU A 17 2.90 9.21 -0.54
N SER A 18 3.01 7.92 -0.38
CA SER A 18 4.35 7.29 -0.52
C SER A 18 4.20 5.80 -0.82
N PHE A 19 5.28 5.08 -0.69
CA PHE A 19 5.26 3.60 -0.94
C PHE A 19 5.60 2.88 0.34
N ILE A 20 6.79 3.08 0.82
CA ILE A 20 7.20 2.42 2.09
C ILE A 20 6.07 2.56 3.10
N GLN A 21 5.27 3.60 2.96
CA GLN A 21 4.12 3.78 3.89
C GLN A 21 3.15 2.62 3.71
N CYS A 22 2.52 2.52 2.57
CA CYS A 22 1.58 1.39 2.33
C CYS A 22 2.38 0.10 2.25
N LYS A 23 3.60 0.18 1.77
CA LYS A 23 4.44 -1.05 1.66
C LYS A 23 4.91 -1.50 3.04
N THR A 24 4.54 -0.79 4.08
CA THR A 24 4.98 -1.20 5.44
C THR A 24 3.86 -0.96 6.46
N MET A 25 3.14 0.13 6.32
CA MET A 25 2.04 0.42 7.28
C MET A 25 0.86 -0.53 7.06
N CYS A 26 0.31 -0.53 5.89
CA CYS A 26 -0.84 -1.43 5.60
C CYS A 26 -0.41 -2.89 5.68
N TYR A 27 -0.95 -3.63 6.61
CA TYR A 27 -0.57 -5.07 6.74
C TYR A 27 -1.09 -5.86 5.54
N GLY A 1 -3.70 -10.78 2.53
CA GLY A 1 -4.85 -10.12 3.23
C GLY A 1 -4.62 -8.61 3.28
N GLY A 2 -3.47 -8.19 3.72
CA GLY A 2 -3.18 -6.73 3.79
C GLY A 2 -2.27 -6.32 2.63
N LEU A 3 -0.99 -6.51 2.78
CA LEU A 3 -0.05 -6.14 1.68
C LEU A 3 -0.61 -6.58 0.33
N GLY A 4 -1.25 -7.71 0.30
CA GLY A 4 -1.83 -8.21 -0.98
C GLY A 4 -2.63 -7.10 -1.65
N ARG A 5 -3.16 -6.18 -0.89
CA ARG A 5 -3.96 -5.07 -1.51
C ARG A 5 -3.41 -3.71 -1.08
N CYS A 6 -2.80 -3.63 0.06
CA CYS A 6 -2.24 -2.32 0.51
C CYS A 6 -1.43 -1.68 -0.61
N ILE A 7 -0.17 -1.99 -0.68
CA ILE A 7 0.67 -1.41 -1.77
C ILE A 7 -0.09 -1.48 -3.08
N TYR A 8 -0.73 -2.58 -3.36
CA TYR A 8 -1.50 -2.66 -4.63
C TYR A 8 -2.31 -1.39 -4.82
N ASN A 9 -3.32 -1.19 -4.02
CA ASN A 9 -4.14 0.02 -4.13
C ASN A 9 -3.34 1.25 -3.68
N CYS A 10 -2.53 1.10 -2.68
CA CYS A 10 -1.73 2.24 -2.16
C CYS A 10 -0.76 2.74 -3.23
N MET A 11 -0.09 1.84 -3.89
CA MET A 11 0.90 2.26 -4.93
C MET A 11 0.25 2.34 -6.32
N ASN A 12 -0.52 1.37 -6.70
CA ASN A 12 -1.16 1.42 -8.04
C ASN A 12 -1.70 2.83 -8.34
N SER A 13 -2.83 3.15 -7.79
CA SER A 13 -3.41 4.50 -8.03
C SER A 13 -4.84 4.58 -7.47
N GLY A 14 -4.99 5.11 -6.29
CA GLY A 14 -6.32 5.22 -5.68
C GLY A 14 -6.22 5.84 -4.29
N GLY A 15 -5.32 5.35 -3.49
CA GLY A 15 -5.16 5.91 -2.11
C GLY A 15 -3.81 5.49 -1.55
N GLY A 16 -2.81 6.30 -1.71
CA GLY A 16 -1.46 5.96 -1.18
C GLY A 16 -0.61 7.23 -1.10
N LEU A 17 -0.67 7.92 0.01
CA LEU A 17 0.13 9.16 0.16
C LEU A 17 1.62 8.88 -0.03
N SER A 18 2.08 7.74 0.39
CA SER A 18 3.52 7.42 0.23
C SER A 18 3.71 5.96 -0.19
N PHE A 19 4.93 5.50 -0.19
CA PHE A 19 5.20 4.10 -0.58
C PHE A 19 5.87 3.37 0.58
N ILE A 20 7.02 3.85 0.98
CA ILE A 20 7.71 3.20 2.13
C ILE A 20 6.67 2.88 3.20
N GLN A 21 5.65 3.68 3.28
CA GLN A 21 4.58 3.40 4.26
C GLN A 21 3.96 2.05 3.92
N CYS A 22 3.06 2.04 2.99
CA CYS A 22 2.42 0.77 2.57
C CYS A 22 3.48 -0.26 2.21
N LYS A 23 4.65 0.18 1.78
CA LYS A 23 5.73 -0.79 1.41
C LYS A 23 5.74 -1.97 2.37
N THR A 24 5.82 -1.70 3.64
CA THR A 24 5.84 -2.81 4.64
C THR A 24 5.03 -2.45 5.90
N MET A 25 4.48 -1.26 5.96
CA MET A 25 3.69 -0.90 7.16
C MET A 25 2.39 -1.70 7.19
N CYS A 26 1.74 -1.81 6.07
CA CYS A 26 0.46 -2.60 6.03
C CYS A 26 0.64 -3.92 6.77
N TYR A 27 -0.36 -4.35 7.50
CA TYR A 27 -0.23 -5.64 8.24
C TYR A 27 -1.23 -6.66 7.70
N GLY A 1 -0.42 -11.62 4.83
CA GLY A 1 -1.84 -11.68 4.38
C GLY A 1 -2.49 -10.30 4.55
N GLY A 2 -2.03 -9.33 3.81
CA GLY A 2 -2.61 -7.96 3.94
C GLY A 2 -1.61 -6.93 3.41
N LEU A 3 -0.92 -7.25 2.36
CA LEU A 3 0.08 -6.28 1.81
C LEU A 3 0.01 -6.29 0.28
N GLY A 4 0.00 -7.44 -0.31
CA GLY A 4 -0.06 -7.52 -1.80
C GLY A 4 -1.14 -6.58 -2.33
N ARG A 5 -2.31 -6.63 -1.76
CA ARG A 5 -3.41 -5.74 -2.21
C ARG A 5 -3.28 -4.35 -1.58
N CYS A 6 -2.89 -4.29 -0.33
CA CYS A 6 -2.74 -2.96 0.33
C CYS A 6 -2.10 -1.98 -0.65
N ILE A 7 -0.87 -2.21 -1.00
CA ILE A 7 -0.20 -1.31 -1.97
C ILE A 7 -1.01 -1.26 -3.27
N TYR A 8 -1.48 -2.39 -3.72
CA TYR A 8 -2.29 -2.40 -4.97
C TYR A 8 -3.33 -1.27 -4.89
N ASN A 9 -4.29 -1.41 -4.02
CA ASN A 9 -5.32 -0.35 -3.88
C ASN A 9 -4.67 0.95 -3.40
N CYS A 10 -3.79 0.84 -2.45
CA CYS A 10 -3.12 2.05 -1.91
C CYS A 10 -2.18 2.67 -2.95
N MET A 11 -0.99 2.15 -3.05
CA MET A 11 -0.01 2.68 -4.01
C MET A 11 -0.49 2.51 -5.46
N ASN A 12 -0.78 1.31 -5.85
CA ASN A 12 -1.25 1.06 -7.25
C ASN A 12 -2.68 1.55 -7.42
N SER A 13 -2.91 2.80 -7.15
CA SER A 13 -4.28 3.36 -7.31
C SER A 13 -4.35 4.85 -6.95
N GLY A 14 -3.42 5.31 -6.17
CA GLY A 14 -3.43 6.74 -5.78
C GLY A 14 -2.38 6.98 -4.69
N GLY A 15 -2.07 5.96 -3.93
CA GLY A 15 -1.07 6.13 -2.85
C GLY A 15 -1.35 7.41 -2.08
N GLY A 16 -2.34 7.39 -1.22
CA GLY A 16 -2.67 8.60 -0.43
C GLY A 16 -1.40 9.22 0.15
N LEU A 17 -0.36 8.44 0.30
CA LEU A 17 0.91 8.97 0.86
C LEU A 17 2.12 8.43 0.08
N SER A 18 2.93 7.62 0.70
CA SER A 18 4.12 7.08 -0.03
C SER A 18 3.97 5.57 -0.26
N PHE A 19 4.95 4.97 -0.88
CA PHE A 19 4.89 3.50 -1.16
C PHE A 19 5.45 2.72 0.02
N ILE A 20 6.69 2.95 0.34
CA ILE A 20 7.31 2.21 1.49
C ILE A 20 6.29 2.16 2.63
N GLN A 21 5.55 3.22 2.80
CA GLN A 21 4.53 3.25 3.87
C GLN A 21 3.58 2.07 3.68
N CYS A 22 2.75 2.13 2.66
CA CYS A 22 1.80 1.01 2.40
C CYS A 22 2.59 -0.27 2.11
N LYS A 23 3.73 -0.16 1.49
CA LYS A 23 4.53 -1.38 1.17
C LYS A 23 4.70 -2.24 2.43
N THR A 24 4.52 -1.68 3.60
CA THR A 24 4.67 -2.50 4.84
C THR A 24 3.78 -1.97 5.97
N MET A 25 3.51 -0.69 5.99
CA MET A 25 2.65 -0.15 7.08
C MET A 25 1.25 -0.77 7.01
N CYS A 26 0.79 -1.08 5.83
CA CYS A 26 -0.57 -1.69 5.71
C CYS A 26 -0.51 -3.18 6.06
N TYR A 27 -1.02 -3.55 7.20
CA TYR A 27 -1.00 -4.98 7.60
C TYR A 27 -2.06 -5.76 6.84
N GLY A 1 -0.81 -12.28 5.14
CA GLY A 1 0.09 -11.15 4.78
C GLY A 1 -0.66 -9.82 4.92
N GLY A 2 -1.16 -9.29 3.84
CA GLY A 2 -1.91 -8.01 3.92
C GLY A 2 -1.23 -6.97 3.02
N LEU A 3 -0.31 -7.40 2.20
CA LEU A 3 0.39 -6.45 1.29
C LEU A 3 -0.21 -6.53 -0.11
N GLY A 4 -0.59 -7.70 -0.54
CA GLY A 4 -1.17 -7.85 -1.89
C GLY A 4 -2.19 -6.74 -2.15
N ARG A 5 -3.26 -6.74 -1.42
CA ARG A 5 -4.30 -5.69 -1.62
C ARG A 5 -3.80 -4.33 -1.13
N CYS A 6 -3.07 -4.31 -0.05
CA CYS A 6 -2.56 -3.02 0.47
C CYS A 6 -2.00 -2.15 -0.66
N ILE A 7 -0.78 -2.40 -1.04
CA ILE A 7 -0.16 -1.59 -2.14
C ILE A 7 -1.08 -1.50 -3.35
N TYR A 8 -1.60 -2.61 -3.82
CA TYR A 8 -2.48 -2.56 -5.01
C TYR A 8 -3.44 -1.37 -4.91
N ASN A 9 -4.45 -1.46 -4.11
CA ASN A 9 -5.40 -0.35 -3.98
C ASN A 9 -4.68 0.94 -3.55
N CYS A 10 -3.62 0.82 -2.79
CA CYS A 10 -2.89 2.02 -2.33
C CYS A 10 -1.99 2.57 -3.43
N MET A 11 -0.84 2.00 -3.61
CA MET A 11 0.10 2.49 -4.66
C MET A 11 -0.63 2.72 -5.99
N ASN A 12 -1.24 1.69 -6.53
CA ASN A 12 -1.95 1.84 -7.83
C ASN A 12 -2.72 3.18 -7.86
N SER A 13 -3.74 3.30 -7.06
CA SER A 13 -4.51 4.56 -7.04
C SER A 13 -3.57 5.77 -6.92
N GLY A 14 -2.44 5.57 -6.29
CA GLY A 14 -1.48 6.68 -6.14
C GLY A 14 -0.70 6.51 -4.84
N GLY A 15 -1.13 5.64 -3.97
CA GLY A 15 -0.42 5.41 -2.70
C GLY A 15 -1.01 6.33 -1.62
N GLY A 16 -1.86 7.25 -2.00
CA GLY A 16 -2.47 8.15 -1.01
C GLY A 16 -1.45 9.18 -0.54
N LEU A 17 -0.30 8.75 -0.10
CA LEU A 17 0.72 9.73 0.39
C LEU A 17 2.14 9.19 0.17
N SER A 18 2.33 7.90 0.29
CA SER A 18 3.71 7.34 0.10
C SER A 18 3.64 5.87 -0.31
N PHE A 19 4.76 5.21 -0.24
CA PHE A 19 4.81 3.77 -0.62
C PHE A 19 5.10 2.94 0.63
N ILE A 20 6.25 3.14 1.20
CA ILE A 20 6.60 2.39 2.42
C ILE A 20 5.41 2.38 3.38
N GLN A 21 4.57 3.37 3.30
CA GLN A 21 3.38 3.41 4.20
C GLN A 21 2.41 2.30 3.83
N CYS A 22 2.47 1.85 2.61
CA CYS A 22 1.55 0.75 2.17
C CYS A 22 2.37 -0.48 1.79
N LYS A 23 3.54 -0.29 1.24
CA LYS A 23 4.38 -1.45 0.84
C LYS A 23 4.33 -2.55 1.90
N THR A 24 4.59 -2.22 3.13
CA THR A 24 4.55 -3.26 4.19
C THR A 24 4.17 -2.63 5.54
N MET A 25 3.68 -1.42 5.54
CA MET A 25 3.29 -0.78 6.82
C MET A 25 1.87 -1.20 7.20
N CYS A 26 0.96 -1.13 6.28
CA CYS A 26 -0.44 -1.52 6.58
C CYS A 26 -0.53 -3.04 6.80
N TYR A 27 -0.83 -3.45 8.00
CA TYR A 27 -0.93 -4.91 8.29
C TYR A 27 -2.32 -5.25 8.82
N GLY A 1 -0.07 -10.48 5.83
CA GLY A 1 -1.36 -11.07 5.38
C GLY A 1 -2.28 -9.96 4.87
N GLY A 2 -1.99 -9.42 3.72
CA GLY A 2 -2.85 -8.33 3.16
C GLY A 2 -1.98 -7.33 2.41
N LEU A 3 -0.72 -7.27 2.71
CA LEU A 3 0.18 -6.32 2.00
C LEU A 3 0.04 -6.47 0.49
N GLY A 4 -0.37 -7.63 0.03
CA GLY A 4 -0.52 -7.85 -1.43
C GLY A 4 -1.33 -6.71 -2.03
N ARG A 5 -2.60 -6.66 -1.77
CA ARG A 5 -3.45 -5.57 -2.34
C ARG A 5 -3.11 -4.23 -1.67
N CYS A 6 -2.59 -4.27 -0.48
CA CYS A 6 -2.23 -3.00 0.20
C CYS A 6 -1.47 -2.10 -0.77
N ILE A 7 -0.26 -2.45 -1.09
CA ILE A 7 0.53 -1.63 -2.04
C ILE A 7 -0.28 -1.38 -3.31
N TYR A 8 -0.94 -2.38 -3.80
CA TYR A 8 -1.76 -2.17 -5.03
C TYR A 8 -2.68 -0.97 -4.84
N ASN A 9 -3.75 -1.15 -4.10
CA ASN A 9 -4.71 -0.03 -3.88
C ASN A 9 -3.99 1.23 -3.38
N CYS A 10 -2.84 1.10 -2.78
CA CYS A 10 -2.14 2.30 -2.26
C CYS A 10 -1.16 2.86 -3.29
N MET A 11 -0.23 2.07 -3.71
CA MET A 11 0.79 2.51 -4.69
C MET A 11 0.21 2.58 -6.11
N ASN A 12 -0.84 1.86 -6.38
CA ASN A 12 -1.43 1.89 -7.76
C ASN A 12 -2.25 3.16 -7.96
N SER A 13 -3.17 3.42 -7.08
CA SER A 13 -4.02 4.64 -7.22
C SER A 13 -5.18 4.59 -6.23
N GLY A 14 -5.11 5.35 -5.17
CA GLY A 14 -6.19 5.35 -4.17
C GLY A 14 -5.79 6.24 -2.99
N GLY A 15 -4.95 5.75 -2.14
CA GLY A 15 -4.51 6.57 -0.96
C GLY A 15 -3.14 6.10 -0.49
N GLY A 16 -2.09 6.66 -1.03
CA GLY A 16 -0.73 6.25 -0.61
C GLY A 16 0.28 7.30 -1.07
N LEU A 17 0.61 8.23 -0.21
CA LEU A 17 1.58 9.30 -0.59
C LEU A 17 2.98 8.70 -0.77
N SER A 18 3.28 7.63 -0.09
CA SER A 18 4.63 7.01 -0.22
C SER A 18 4.51 5.54 -0.65
N PHE A 19 5.60 4.82 -0.62
CA PHE A 19 5.57 3.39 -1.01
C PHE A 19 5.93 2.53 0.18
N ILE A 20 7.10 2.72 0.72
CA ILE A 20 7.50 1.90 1.90
C ILE A 20 6.35 1.93 2.90
N GLN A 21 5.62 3.01 2.91
CA GLN A 21 4.46 3.10 3.84
C GLN A 21 3.48 1.97 3.50
N CYS A 22 2.74 2.10 2.44
CA CYS A 22 1.80 1.02 2.06
C CYS A 22 2.57 -0.28 1.88
N LYS A 23 3.80 -0.20 1.41
CA LYS A 23 4.60 -1.43 1.22
C LYS A 23 5.01 -2.02 2.57
N THR A 24 4.73 -1.33 3.65
CA THR A 24 5.12 -1.86 4.99
C THR A 24 4.30 -1.21 6.10
N MET A 25 3.06 -0.89 5.84
CA MET A 25 2.22 -0.26 6.89
C MET A 25 0.80 -0.81 6.82
N CYS A 26 0.24 -0.88 5.64
CA CYS A 26 -1.16 -1.41 5.52
C CYS A 26 -1.26 -2.79 6.16
N TYR A 27 -2.45 -3.24 6.44
CA TYR A 27 -2.61 -4.58 7.08
C TYR A 27 -2.82 -5.64 5.99
N GLY A 1 -1.29 -12.64 4.77
CA GLY A 1 -1.15 -12.04 3.41
C GLY A 1 -2.02 -10.80 3.30
N GLY A 2 -1.43 -9.63 3.25
CA GLY A 2 -2.24 -8.39 3.14
C GLY A 2 -1.57 -7.43 2.15
N LEU A 3 -0.29 -7.24 2.28
CA LEU A 3 0.43 -6.31 1.36
C LEU A 3 -0.06 -6.53 -0.08
N GLY A 4 -0.28 -7.75 -0.45
CA GLY A 4 -0.76 -8.04 -1.82
C GLY A 4 -1.90 -7.09 -2.18
N ARG A 5 -2.70 -6.73 -1.22
CA ARG A 5 -3.84 -5.81 -1.52
C ARG A 5 -3.47 -4.38 -1.11
N CYS A 6 -2.86 -4.21 0.03
CA CYS A 6 -2.47 -2.84 0.47
C CYS A 6 -1.81 -2.08 -0.68
N ILE A 7 -0.52 -2.23 -0.82
CA ILE A 7 0.20 -1.52 -1.91
C ILE A 7 -0.61 -1.55 -3.21
N TYR A 8 -0.99 -2.71 -3.67
CA TYR A 8 -1.80 -2.78 -4.92
C TYR A 8 -2.85 -1.67 -4.91
N ASN A 9 -3.85 -1.81 -4.09
CA ASN A 9 -4.90 -0.79 -4.01
C ASN A 9 -4.30 0.58 -3.64
N CYS A 10 -3.33 0.59 -2.77
CA CYS A 10 -2.71 1.87 -2.36
C CYS A 10 -1.78 2.40 -3.47
N MET A 11 -0.59 1.87 -3.56
CA MET A 11 0.35 2.33 -4.63
C MET A 11 -0.39 2.58 -5.94
N ASN A 12 -0.93 1.56 -6.53
CA ASN A 12 -1.67 1.72 -7.81
C ASN A 12 -2.55 2.98 -7.75
N SER A 13 -3.23 3.19 -6.66
CA SER A 13 -4.09 4.40 -6.54
C SER A 13 -4.96 4.30 -5.28
N GLY A 14 -4.53 4.89 -4.20
CA GLY A 14 -5.32 4.83 -2.95
C GLY A 14 -4.58 5.58 -1.85
N GLY A 15 -3.28 5.56 -1.88
CA GLY A 15 -2.50 6.27 -0.82
C GLY A 15 -2.08 7.64 -1.34
N GLY A 16 -1.35 7.68 -2.44
CA GLY A 16 -0.90 8.98 -3.00
C GLY A 16 0.04 9.67 -2.01
N LEU A 17 0.79 8.91 -1.27
CA LEU A 17 1.75 9.53 -0.30
C LEU A 17 3.15 8.97 -0.53
N SER A 18 3.37 7.74 -0.16
CA SER A 18 4.71 7.12 -0.35
C SER A 18 4.57 5.63 -0.68
N PHE A 19 5.66 4.93 -0.64
CA PHE A 19 5.64 3.47 -0.95
C PHE A 19 5.96 2.69 0.32
N ILE A 20 7.11 2.93 0.88
CA ILE A 20 7.47 2.21 2.14
C ILE A 20 6.28 2.30 3.09
N GLN A 21 5.58 3.39 3.05
CA GLN A 21 4.38 3.53 3.93
C GLN A 21 3.45 2.35 3.69
N CYS A 22 2.70 2.39 2.62
CA CYS A 22 1.78 1.27 2.32
C CYS A 22 2.57 -0.03 2.13
N LYS A 23 3.77 0.06 1.63
CA LYS A 23 4.57 -1.19 1.44
C LYS A 23 4.54 -2.03 2.70
N THR A 24 4.27 -1.43 3.84
CA THR A 24 4.23 -2.20 5.10
C THR A 24 3.14 -1.65 6.03
N MET A 25 2.93 -0.36 6.02
CA MET A 25 1.89 0.23 6.90
C MET A 25 0.61 -0.60 6.85
N CYS A 26 -0.16 -0.44 5.80
CA CYS A 26 -1.43 -1.23 5.70
C CYS A 26 -1.15 -2.71 6.00
N TYR A 27 -1.60 -3.18 7.13
CA TYR A 27 -1.36 -4.61 7.49
C TYR A 27 -2.64 -5.43 7.28
N GLY A 1 -3.03 -11.15 3.96
CA GLY A 1 -4.00 -10.54 3.01
C GLY A 1 -4.09 -9.03 3.26
N GLY A 2 -2.97 -8.38 3.39
CA GLY A 2 -2.99 -6.90 3.65
C GLY A 2 -1.94 -6.22 2.76
N LEU A 3 -0.71 -6.61 2.87
CA LEU A 3 0.35 -5.99 2.03
C LEU A 3 0.01 -6.16 0.55
N GLY A 4 -0.23 -7.37 0.13
CA GLY A 4 -0.57 -7.61 -1.30
C GLY A 4 -1.55 -6.55 -1.79
N ARG A 5 -2.65 -6.41 -1.12
CA ARG A 5 -3.66 -5.39 -1.55
C ARG A 5 -3.19 -3.98 -1.17
N CYS A 6 -2.56 -3.84 -0.04
CA CYS A 6 -2.06 -2.50 0.37
C CYS A 6 -1.38 -1.83 -0.83
N ILE A 7 -0.13 -2.12 -1.03
CA ILE A 7 0.60 -1.52 -2.18
C ILE A 7 -0.27 -1.52 -3.42
N TYR A 8 -0.92 -2.61 -3.74
CA TYR A 8 -1.79 -2.63 -4.94
C TYR A 8 -2.64 -1.36 -4.98
N ASN A 9 -3.67 -1.31 -4.19
CA ASN A 9 -4.55 -0.11 -4.19
C ASN A 9 -3.77 1.13 -3.70
N CYS A 10 -2.74 0.93 -2.90
CA CYS A 10 -1.97 2.10 -2.39
C CYS A 10 -1.01 2.63 -3.46
N MET A 11 -0.04 1.84 -3.82
CA MET A 11 0.95 2.28 -4.84
C MET A 11 0.26 2.55 -6.19
N ASN A 12 -0.48 1.60 -6.67
CA ASN A 12 -1.17 1.78 -7.98
C ASN A 12 -1.74 3.20 -8.10
N SER A 13 -2.78 3.49 -7.39
CA SER A 13 -3.39 4.86 -7.45
C SER A 13 -4.77 4.87 -6.79
N GLY A 14 -4.86 5.35 -5.58
CA GLY A 14 -6.18 5.39 -4.90
C GLY A 14 -5.99 5.86 -3.46
N GLY A 15 -5.10 5.25 -2.74
CA GLY A 15 -4.86 5.65 -1.33
C GLY A 15 -3.44 5.26 -0.93
N GLY A 16 -2.48 6.10 -1.19
CA GLY A 16 -1.08 5.78 -0.82
C GLY A 16 -0.20 7.01 -0.99
N LEU A 17 -0.13 7.85 0.00
CA LEU A 17 0.71 9.08 -0.09
C LEU A 17 2.17 8.69 -0.38
N SER A 18 2.52 7.47 -0.14
CA SER A 18 3.93 7.04 -0.40
C SER A 18 3.98 5.53 -0.67
N PHE A 19 5.16 4.97 -0.59
CA PHE A 19 5.31 3.51 -0.84
C PHE A 19 5.63 2.79 0.47
N ILE A 20 6.65 3.23 1.14
CA ILE A 20 7.02 2.57 2.44
C ILE A 20 5.82 2.63 3.38
N GLN A 21 4.97 3.60 3.20
CA GLN A 21 3.77 3.71 4.08
C GLN A 21 2.84 2.54 3.82
N CYS A 22 2.99 1.88 2.70
CA CYS A 22 2.11 0.72 2.39
C CYS A 22 2.95 -0.51 2.08
N LYS A 23 4.08 -0.32 1.44
CA LYS A 23 4.94 -1.49 1.10
C LYS A 23 4.99 -2.50 2.25
N THR A 24 5.29 -2.04 3.43
CA THR A 24 5.35 -2.99 4.59
C THR A 24 4.65 -2.39 5.81
N MET A 25 4.19 -1.18 5.73
CA MET A 25 3.51 -0.55 6.90
C MET A 25 2.15 -1.20 7.14
N CYS A 26 1.12 -0.71 6.50
CA CYS A 26 -0.23 -1.30 6.69
C CYS A 26 -0.16 -2.82 6.60
N TYR A 27 -0.28 -3.49 7.72
CA TYR A 27 -0.22 -4.98 7.70
C TYR A 27 -1.54 -5.55 7.18
N GLY A 1 -0.62 -13.19 5.73
CA GLY A 1 -0.37 -12.18 4.66
C GLY A 1 -0.55 -10.77 5.24
N GLY A 2 -0.56 -9.78 4.41
CA GLY A 2 -0.71 -8.38 4.90
C GLY A 2 -1.17 -7.48 3.75
N LEU A 3 -0.31 -7.26 2.79
CA LEU A 3 -0.69 -6.39 1.64
C LEU A 3 -2.11 -6.72 1.17
N GLY A 4 -2.33 -7.91 0.73
CA GLY A 4 -3.69 -8.31 0.27
C GLY A 4 -4.29 -7.19 -0.57
N ARG A 5 -3.72 -6.92 -1.71
CA ARG A 5 -4.26 -5.85 -2.59
C ARG A 5 -4.01 -4.46 -1.99
N CYS A 6 -3.36 -4.39 -0.87
CA CYS A 6 -3.08 -3.05 -0.26
C CYS A 6 -2.24 -2.19 -1.21
N ILE A 7 -0.95 -2.36 -1.19
CA ILE A 7 -0.07 -1.54 -2.09
C ILE A 7 -0.70 -1.37 -3.46
N TYR A 8 -0.58 -2.33 -4.34
CA TYR A 8 -1.18 -2.19 -5.71
C TYR A 8 -2.42 -1.31 -5.65
N ASN A 9 -3.50 -1.83 -5.16
CA ASN A 9 -4.73 -1.01 -5.08
C ASN A 9 -4.44 0.35 -4.43
N CYS A 10 -3.55 0.38 -3.48
CA CYS A 10 -3.22 1.65 -2.79
C CYS A 10 -2.24 2.48 -3.61
N MET A 11 -1.04 2.01 -3.70
CA MET A 11 0.02 2.74 -4.45
C MET A 11 -0.31 2.88 -5.94
N ASN A 12 -0.63 1.79 -6.60
CA ASN A 12 -0.93 1.86 -8.06
C ASN A 12 -1.75 3.11 -8.39
N SER A 13 -2.51 3.61 -7.46
CA SER A 13 -3.32 4.83 -7.73
C SER A 13 -4.08 5.23 -6.47
N GLY A 14 -3.39 5.39 -5.39
CA GLY A 14 -4.06 5.78 -4.12
C GLY A 14 -3.02 5.92 -3.02
N GLY A 15 -1.82 6.33 -3.37
CA GLY A 15 -0.75 6.49 -2.34
C GLY A 15 -0.76 7.94 -1.86
N GLY A 16 -1.83 8.37 -1.26
CA GLY A 16 -1.92 9.76 -0.75
C GLY A 16 -0.59 10.18 -0.12
N LEU A 17 0.16 9.23 0.40
CA LEU A 17 1.47 9.59 1.02
C LEU A 17 2.64 9.03 0.21
N SER A 18 2.93 7.77 0.36
CA SER A 18 4.07 7.16 -0.39
C SER A 18 3.87 5.66 -0.56
N PHE A 19 4.91 4.98 -0.96
CA PHE A 19 4.83 3.50 -1.14
C PHE A 19 5.21 2.81 0.16
N ILE A 20 6.39 3.06 0.62
CA ILE A 20 6.86 2.43 1.89
C ILE A 20 5.71 2.44 2.90
N GLN A 21 4.83 3.41 2.80
CA GLN A 21 3.67 3.45 3.71
C GLN A 21 2.84 2.20 3.46
N CYS A 22 1.98 2.21 2.48
CA CYS A 22 1.17 1.01 2.18
C CYS A 22 2.09 -0.21 2.04
N LYS A 23 3.30 -0.02 1.58
CA LYS A 23 4.23 -1.18 1.42
C LYS A 23 4.46 -1.87 2.76
N THR A 24 4.76 -1.12 3.79
CA THR A 24 5.00 -1.76 5.12
C THR A 24 3.88 -1.43 6.10
N MET A 25 3.12 -0.41 5.85
CA MET A 25 2.02 -0.05 6.77
C MET A 25 0.99 -1.18 6.81
N CYS A 26 0.32 -1.41 5.72
CA CYS A 26 -0.68 -2.51 5.69
C CYS A 26 0.01 -3.85 5.91
N TYR A 27 -0.06 -4.37 7.10
CA TYR A 27 0.60 -5.67 7.39
C TYR A 27 -0.41 -6.66 7.98
N GLY A 1 -4.49 -10.41 2.18
CA GLY A 1 -3.46 -10.86 3.16
C GLY A 1 -3.04 -9.67 4.03
N GLY A 2 -2.69 -8.57 3.42
CA GLY A 2 -2.27 -7.38 4.21
C GLY A 2 -1.42 -6.46 3.33
N LEU A 3 -0.23 -6.88 3.00
CA LEU A 3 0.65 -6.02 2.15
C LEU A 3 0.31 -6.23 0.67
N GLY A 4 0.13 -7.46 0.27
CA GLY A 4 -0.20 -7.74 -1.16
C GLY A 4 -1.24 -6.73 -1.66
N ARG A 5 -2.44 -6.82 -1.16
CA ARG A 5 -3.50 -5.88 -1.60
C ARG A 5 -3.13 -4.44 -1.23
N CYS A 6 -2.52 -4.25 -0.10
CA CYS A 6 -2.12 -2.87 0.30
C CYS A 6 -1.48 -2.17 -0.90
N ILE A 7 -0.23 -2.42 -1.13
CA ILE A 7 0.48 -1.80 -2.28
C ILE A 7 -0.42 -1.82 -3.52
N TYR A 8 -0.96 -2.96 -3.85
CA TYR A 8 -1.86 -3.03 -5.05
C TYR A 8 -2.81 -1.83 -5.06
N ASN A 9 -3.78 -1.84 -4.20
CA ASN A 9 -4.75 -0.70 -4.16
C ASN A 9 -4.05 0.59 -3.76
N CYS A 10 -3.00 0.51 -2.98
CA CYS A 10 -2.29 1.74 -2.57
C CYS A 10 -1.34 2.23 -3.66
N MET A 11 -0.25 1.56 -3.86
CA MET A 11 0.70 1.99 -4.92
C MET A 11 -0.05 2.29 -6.22
N ASN A 12 -0.76 1.33 -6.74
CA ASN A 12 -1.52 1.56 -8.00
C ASN A 12 -2.28 2.88 -7.92
N SER A 13 -2.97 3.10 -6.84
CA SER A 13 -3.74 4.38 -6.68
C SER A 13 -4.72 4.25 -5.51
N GLY A 14 -4.42 4.88 -4.40
CA GLY A 14 -5.32 4.81 -3.23
C GLY A 14 -4.87 5.81 -2.16
N GLY A 15 -3.70 5.60 -1.63
CA GLY A 15 -3.19 6.53 -0.59
C GLY A 15 -2.59 7.77 -1.26
N GLY A 16 -1.82 7.57 -2.29
CA GLY A 16 -1.20 8.73 -3.00
C GLY A 16 -0.32 9.52 -2.02
N LEU A 17 0.18 8.86 -1.01
CA LEU A 17 1.05 9.58 -0.03
C LEU A 17 2.50 9.13 -0.22
N SER A 18 2.76 7.87 -0.04
CA SER A 18 4.15 7.36 -0.20
C SER A 18 4.13 5.87 -0.53
N PHE A 19 5.23 5.22 -0.37
CA PHE A 19 5.31 3.76 -0.67
C PHE A 19 5.50 2.98 0.63
N ILE A 20 6.51 3.31 1.37
CA ILE A 20 6.75 2.59 2.65
C ILE A 20 5.45 2.60 3.47
N GLN A 21 4.61 3.58 3.22
CA GLN A 21 3.34 3.66 3.98
C GLN A 21 2.45 2.46 3.66
N CYS A 22 2.64 1.87 2.50
CA CYS A 22 1.82 0.70 2.12
C CYS A 22 2.72 -0.49 1.78
N LYS A 23 3.88 -0.23 1.23
CA LYS A 23 4.81 -1.34 0.88
C LYS A 23 4.78 -2.42 1.96
N THR A 24 5.03 -2.05 3.19
CA THR A 24 5.02 -3.05 4.29
C THR A 24 4.39 -2.46 5.56
N MET A 25 3.92 -1.24 5.50
CA MET A 25 3.30 -0.62 6.69
C MET A 25 1.96 -1.28 7.01
N CYS A 26 0.92 -0.83 6.36
CA CYS A 26 -0.42 -1.43 6.61
C CYS A 26 -0.34 -2.96 6.61
N TYR A 27 -1.09 -3.60 7.47
CA TYR A 27 -1.06 -5.09 7.51
C TYR A 27 -2.20 -5.67 6.67
N GLY A 1 -1.92 -10.71 5.24
CA GLY A 1 -3.31 -10.18 5.17
C GLY A 1 -3.28 -8.67 4.95
N GLY A 2 -2.25 -8.19 4.31
CA GLY A 2 -2.14 -6.72 4.06
C GLY A 2 -1.45 -6.47 2.73
N LEU A 3 -0.19 -6.81 2.64
CA LEU A 3 0.56 -6.59 1.36
C LEU A 3 -0.25 -7.15 0.18
N GLY A 4 -1.10 -8.11 0.44
CA GLY A 4 -1.91 -8.70 -0.66
C GLY A 4 -2.42 -7.60 -1.58
N ARG A 5 -3.35 -6.81 -1.10
CA ARG A 5 -3.91 -5.71 -1.95
C ARG A 5 -3.42 -4.35 -1.46
N CYS A 6 -2.67 -4.33 -0.38
CA CYS A 6 -2.16 -3.03 0.14
C CYS A 6 -1.58 -2.21 -1.02
N ILE A 7 -0.33 -2.40 -1.31
CA ILE A 7 0.31 -1.65 -2.43
C ILE A 7 -0.63 -1.59 -3.64
N TYR A 8 -1.19 -2.70 -4.02
CA TYR A 8 -2.12 -2.69 -5.19
C TYR A 8 -3.09 -1.52 -5.05
N ASN A 9 -4.06 -1.63 -4.19
CA ASN A 9 -5.04 -0.54 -4.01
C ASN A 9 -4.34 0.74 -3.52
N CYS A 10 -3.25 0.61 -2.83
CA CYS A 10 -2.54 1.81 -2.32
C CYS A 10 -1.63 2.41 -3.40
N MET A 11 -0.53 1.78 -3.68
CA MET A 11 0.41 2.31 -4.70
C MET A 11 -0.29 2.47 -6.05
N ASN A 12 -0.73 1.40 -6.63
CA ASN A 12 -1.42 1.48 -7.96
C ASN A 12 -2.34 2.71 -8.00
N SER A 13 -3.33 2.75 -7.17
CA SER A 13 -4.25 3.92 -7.16
C SER A 13 -3.44 5.21 -7.27
N GLY A 14 -3.01 5.74 -6.16
CA GLY A 14 -2.21 6.98 -6.19
C GLY A 14 -1.55 7.21 -4.82
N GLY A 15 -1.40 6.16 -4.05
CA GLY A 15 -0.76 6.30 -2.70
C GLY A 15 -1.24 7.60 -2.05
N GLY A 16 -2.47 7.66 -1.64
CA GLY A 16 -2.98 8.91 -1.00
C GLY A 16 -1.92 9.49 -0.07
N LEU A 17 -1.07 8.66 0.47
CA LEU A 17 -0.01 9.16 1.39
C LEU A 17 1.37 8.92 0.77
N SER A 18 1.86 7.71 0.87
CA SER A 18 3.19 7.40 0.31
C SER A 18 3.28 5.92 -0.08
N PHE A 19 4.46 5.43 -0.29
CA PHE A 19 4.63 4.01 -0.66
C PHE A 19 5.01 3.19 0.58
N ILE A 20 6.05 3.59 1.25
CA ILE A 20 6.46 2.85 2.48
C ILE A 20 5.25 2.67 3.39
N GLN A 21 4.31 3.58 3.31
CA GLN A 21 3.11 3.48 4.16
C GLN A 21 2.30 2.23 3.79
N CYS A 22 2.47 1.74 2.60
CA CYS A 22 1.72 0.53 2.16
C CYS A 22 2.69 -0.55 1.69
N LYS A 23 3.80 -0.16 1.11
CA LYS A 23 4.78 -1.17 0.62
C LYS A 23 4.91 -2.32 1.61
N THR A 24 5.21 -2.02 2.85
CA THR A 24 5.35 -3.10 3.86
C THR A 24 4.76 -2.66 5.20
N MET A 25 4.19 -1.48 5.26
CA MET A 25 3.61 -1.00 6.54
C MET A 25 2.36 -1.81 6.90
N CYS A 26 1.26 -1.52 6.28
CA CYS A 26 0.01 -2.27 6.58
C CYS A 26 0.30 -3.76 6.65
N TYR A 27 0.04 -4.38 7.78
CA TYR A 27 0.32 -5.84 7.90
C TYR A 27 -1.00 -6.60 8.07
#